data_1C04
#
_entry.id   1C04
#
_cell.length_a   212.000
_cell.length_b   301.400
_cell.length_c   576.300
_cell.angle_alpha   90.00
_cell.angle_beta   90.00
_cell.angle_gamma   90.00
#
_symmetry.space_group_name_H-M   'C 2 2 21'
#
loop_
_entity.id
_entity.type
_entity.pdbx_description
1 polymer '23S RRNA FRAGMENT'
2 polymer '23S RRNA FRAGMENT'
3 polymer 'RIBOSOMAL PROTEIN L2'
4 polymer 'RIBOSOMAL PROTEIN L6'
5 polymer 'RIBOSOMAL PROTEIN L11'
6 polymer 'RIBOSOMAL PROTEIN L14'
#
loop_
_entity_poly.entity_id
_entity_poly.type
_entity_poly.pdbx_seq_one_letter_code
_entity_poly.pdbx_strand_id
1 'polyribonucleotide' GCCAGGAUGUAGGCUUAGAAGCAGCCAUCAUUUAAAGAAAGCGUAAUAGCUCACUGGU E
2 'polyribonucleotide' GGGUGCUCAGUACGAGAGGAACCGCACCC F
3 'polypeptide(L)'
;QYRIIDFKRDKDGIPGRVATIEYDPNRSANIALINYADGEKRYIIAPKNLKVG(MSE)EI(MSE)SGPDADIKIGNALPL
ENIPVGTLVHNIELKPGRGGQLVRAAGTSAQVLGKEGKYVIVRLASGEVR(MSE)ILGKCRATVGEVGN
;
A
4 'polypeptide(L)'
;SRVGKKPIEIPAGVTVTVNGNTVTVKGPKGELTRTFHPDMTITVEGNVITVTRPSDEKHHRALHGTTRSLLANMVEGVSK
GYEKALELVGVGYRASKQGKKLVLSVGYSHPVEIEPEEGLEIEVPSQTKIIVKGADKQRVGELAANIRAVRPPEPYKGKG
IRYEGELVRLKEGKTGK
;
B
5 'polypeptide(L)' KTPPAAVLLKKAAGIESGSGEPNRNKVATIKRDKVREIAELKMPDLNAASIEAAMRMIEGTARSMGI C
6 'polypeptide(L)'
;MIQQESRLKVADNSGAREVLVIKVLGGSGRRYANIGDVVVATVKDATPGGVVKKGQVVKAVVVRTKRGVRRPDGSYIRFD
ENACVIIRDDKSPRGTRIFGPVARELRDKDFMKIISLAPEVI
;
D
#
loop_
_chem_comp.id
_chem_comp.type
_chem_comp.name
_chem_comp.formula
A RNA linking ADENOSINE-5'-MONOPHOSPHATE 'C10 H14 N5 O7 P'
C RNA linking CYTIDINE-5'-MONOPHOSPHATE 'C9 H14 N3 O8 P'
G RNA linking GUANOSINE-5'-MONOPHOSPHATE 'C10 H14 N5 O8 P'
U RNA linking URIDINE-5'-MONOPHOSPHATE 'C9 H13 N2 O9 P'
#
# COMPACT_ATOMS: atom_id res chain seq x y z
N GLN C 1 20.91 -2.63 83.25
CA GLN C 1 21.31 -2.39 84.67
C GLN C 1 21.47 -0.89 84.92
N TYR C 2 20.37 -0.16 84.90
CA TYR C 2 20.48 1.28 85.09
C TYR C 2 20.81 1.67 86.53
N ARG C 3 21.97 2.30 86.68
CA ARG C 3 22.51 2.73 87.97
C ARG C 3 21.79 3.88 88.67
N ILE C 4 22.04 3.98 89.96
CA ILE C 4 21.44 5.00 90.81
C ILE C 4 22.38 6.21 90.85
N ILE C 5 21.96 7.36 90.32
CA ILE C 5 22.81 8.56 90.34
C ILE C 5 22.49 9.54 91.49
N ASP C 6 23.53 10.06 92.12
CA ASP C 6 23.36 10.98 93.22
C ASP C 6 23.28 12.39 92.68
N PHE C 7 22.09 12.96 92.70
CA PHE C 7 21.90 14.33 92.23
C PHE C 7 21.74 15.24 93.43
N LYS C 8 21.94 14.67 94.62
CA LYS C 8 21.80 15.42 95.85
C LYS C 8 23.12 15.96 96.38
N ARG C 9 24.19 15.19 96.18
CA ARG C 9 25.53 15.58 96.63
C ARG C 9 25.55 16.17 98.04
N ASP C 10 24.94 15.46 98.99
CA ASP C 10 24.88 15.94 100.36
C ASP C 10 25.83 15.33 101.38
N LYS C 11 26.84 14.58 100.90
CA LYS C 11 27.83 13.97 101.79
C LYS C 11 28.91 15.00 102.09
N ASP C 12 28.49 16.12 102.68
CA ASP C 12 29.41 17.21 102.96
C ASP C 12 30.50 16.90 103.96
N GLY C 13 31.71 17.35 103.62
CA GLY C 13 32.83 17.14 104.51
C GLY C 13 33.57 15.85 104.30
N ILE C 14 32.86 14.84 103.82
CA ILE C 14 33.47 13.52 103.58
C ILE C 14 34.09 13.40 102.19
N PRO C 15 35.43 13.24 102.13
CA PRO C 15 36.18 13.11 100.87
C PRO C 15 35.88 11.81 100.12
N GLY C 16 35.84 11.91 98.79
CA GLY C 16 35.56 10.77 97.94
C GLY C 16 36.59 10.73 96.83
N ARG C 17 36.76 9.57 96.20
CA ARG C 17 37.72 9.42 95.12
C ARG C 17 37.03 8.87 93.88
N VAL C 18 37.31 9.51 92.74
CA VAL C 18 36.71 9.04 91.50
C VAL C 18 37.27 7.65 91.27
N ALA C 19 36.42 6.64 91.49
CA ALA C 19 36.85 5.27 91.32
C ALA C 19 36.96 4.88 89.86
N THR C 20 35.92 5.19 89.11
CA THR C 20 35.91 4.87 87.69
C THR C 20 35.00 5.84 86.97
N ILE C 21 35.07 5.82 85.65
CA ILE C 21 34.24 6.67 84.84
C ILE C 21 33.79 5.87 83.66
N GLU C 22 32.49 5.60 83.59
CA GLU C 22 31.92 4.82 82.53
C GLU C 22 30.69 5.47 81.92
N TYR C 23 30.32 4.97 80.75
CA TYR C 23 29.18 5.49 80.03
C TYR C 23 27.88 4.90 80.55
N ASP C 24 26.82 5.70 80.49
CA ASP C 24 25.50 5.27 80.91
C ASP C 24 24.57 5.54 79.73
N PRO C 25 24.26 4.49 78.94
CA PRO C 25 23.37 4.68 77.80
C PRO C 25 21.98 5.18 78.18
N ASN C 26 21.55 4.92 79.41
CA ASN C 26 20.24 5.38 79.87
C ASN C 26 20.30 6.86 80.19
N ARG C 27 21.49 7.43 80.14
CA ARG C 27 21.69 8.85 80.42
C ARG C 27 22.48 9.51 79.30
N SER C 28 22.83 8.73 78.29
CA SER C 28 23.59 9.22 77.15
C SER C 28 24.76 10.07 77.61
N ALA C 29 25.18 9.84 78.85
CA ALA C 29 26.30 10.57 79.45
C ALA C 29 27.18 9.64 80.25
N ASN C 30 28.31 10.14 80.69
CA ASN C 30 29.26 9.39 81.48
C ASN C 30 28.94 9.55 82.94
N ILE C 31 29.25 8.54 83.72
CA ILE C 31 29.00 8.60 85.15
C ILE C 31 30.25 8.08 85.82
N ALA C 32 30.48 8.53 87.04
CA ALA C 32 31.66 8.09 87.76
C ALA C 32 31.28 7.43 89.06
N LEU C 33 32.07 6.44 89.46
CA LEU C 33 31.83 5.76 90.70
C LEU C 33 32.72 6.48 91.70
N ILE C 34 32.11 6.89 92.80
CA ILE C 34 32.84 7.60 93.85
C ILE C 34 32.90 6.79 95.13
N ASN C 35 34.11 6.55 95.61
CA ASN C 35 34.29 5.82 96.85
C ASN C 35 34.56 6.87 97.91
N TYR C 36 33.73 6.94 98.94
CA TYR C 36 33.93 7.94 99.98
C TYR C 36 34.76 7.41 101.15
N ALA C 37 35.43 8.33 101.86
CA ALA C 37 36.31 7.98 102.98
C ALA C 37 35.59 7.26 104.13
N ASP C 38 34.26 7.19 104.08
CA ASP C 38 33.51 6.53 105.13
C ASP C 38 33.00 5.17 104.71
N GLY C 39 33.36 4.74 103.51
CA GLY C 39 32.90 3.45 103.04
C GLY C 39 31.76 3.49 102.04
N GLU C 40 31.01 4.59 102.02
CA GLU C 40 29.90 4.68 101.09
C GLU C 40 30.34 4.84 99.64
N LYS C 41 29.56 4.27 98.73
CA LYS C 41 29.84 4.35 97.31
C LYS C 41 28.68 5.09 96.67
N ARG C 42 28.96 5.86 95.63
CA ARG C 42 27.94 6.62 94.93
C ARG C 42 28.36 6.96 93.50
N TYR C 43 27.37 7.07 92.63
CA TYR C 43 27.60 7.40 91.24
C TYR C 43 27.20 8.83 91.01
N ILE C 44 27.91 9.50 90.13
CA ILE C 44 27.57 10.88 89.79
C ILE C 44 27.80 11.01 88.31
N ILE C 45 27.21 12.04 87.72
CA ILE C 45 27.42 12.29 86.31
C ILE C 45 28.84 12.82 86.31
N ALA C 46 29.67 12.32 85.41
CA ALA C 46 31.04 12.75 85.38
C ALA C 46 31.24 13.98 84.52
N PRO C 47 31.63 15.11 85.14
CA PRO C 47 31.83 16.33 84.37
C PRO C 47 32.89 16.08 83.30
N LYS C 48 33.08 17.04 82.41
CA LYS C 48 34.08 16.92 81.36
C LYS C 48 35.45 17.03 82.00
N ASN C 49 36.40 16.24 81.52
CA ASN C 49 37.77 16.26 82.02
C ASN C 49 38.00 15.68 83.44
N LEU C 50 36.99 15.06 84.02
CA LEU C 50 37.15 14.45 85.33
C LEU C 50 37.89 13.14 85.09
N LYS C 51 38.89 12.82 85.90
CA LYS C 51 39.61 11.57 85.66
C LYS C 51 39.68 10.69 86.90
N VAL C 52 39.90 9.40 86.66
CA VAL C 52 39.99 8.44 87.75
C VAL C 52 41.12 8.91 88.63
N GLY C 53 40.90 8.82 89.93
CA GLY C 53 41.94 9.24 90.83
C GLY C 53 41.69 10.58 91.50
N MSE C 54 41.07 11.55 90.81
CA MSE C 54 40.85 12.85 91.45
C MSE C 54 39.85 12.77 92.60
O MSE C 54 38.91 11.97 92.60
CB MSE C 54 40.45 13.98 90.48
CG MSE C 54 40.11 13.62 89.03
SE MSE C 54 40.08 15.14 87.90
CE MSE C 54 39.29 16.33 88.89
N GLU C 55 40.07 13.63 93.59
CA GLU C 55 39.24 13.71 94.77
C GLU C 55 38.04 14.59 94.49
N ILE C 56 36.99 14.34 95.25
CA ILE C 56 35.74 15.05 95.12
C ILE C 56 35.26 15.42 96.52
N MSE C 57 34.63 16.58 96.64
CA MSE C 57 34.08 17.03 97.91
C MSE C 57 32.85 17.87 97.63
O MSE C 57 32.64 18.34 96.52
CB MSE C 57 35.09 17.85 98.73
CG MSE C 57 35.34 17.30 100.13
SE MSE C 57 36.07 18.49 101.29
CE MSE C 57 37.14 19.40 100.23
N SER C 58 32.02 18.04 98.65
CA SER C 58 30.82 18.85 98.47
C SER C 58 30.64 19.67 99.74
N GLY C 59 29.86 20.73 99.67
CA GLY C 59 29.65 21.57 100.83
C GLY C 59 30.37 22.90 100.72
N PRO C 60 30.13 23.80 101.68
CA PRO C 60 30.71 25.15 101.72
C PRO C 60 32.24 25.23 101.67
N ASP C 61 32.92 24.23 102.23
CA ASP C 61 34.39 24.22 102.25
C ASP C 61 35.01 23.49 101.08
N ALA C 62 34.19 22.93 100.21
CA ALA C 62 34.73 22.20 99.07
C ALA C 62 35.66 23.08 98.26
N ASP C 63 36.63 22.43 97.63
CA ASP C 63 37.58 23.14 96.79
C ASP C 63 36.84 23.41 95.48
N ILE C 64 37.11 24.52 94.80
CA ILE C 64 36.44 24.77 93.53
C ILE C 64 37.12 23.95 92.45
N LYS C 65 36.65 22.71 92.30
CA LYS C 65 37.21 21.77 91.35
C LYS C 65 36.07 21.06 90.62
N ILE C 66 36.28 20.79 89.34
CA ILE C 66 35.25 20.10 88.59
C ILE C 66 34.80 18.90 89.39
N GLY C 67 33.50 18.67 89.42
CA GLY C 67 32.97 17.52 90.14
C GLY C 67 32.58 17.83 91.56
N ASN C 68 33.06 18.94 92.09
CA ASN C 68 32.73 19.32 93.46
C ASN C 68 31.38 20.05 93.43
N ALA C 69 30.61 19.87 94.49
CA ALA C 69 29.28 20.46 94.62
C ALA C 69 29.18 21.40 95.82
N LEU C 70 28.79 22.64 95.58
CA LEU C 70 28.68 23.60 96.68
C LEU C 70 27.50 24.51 96.50
N PRO C 71 27.07 25.18 97.57
CA PRO C 71 25.95 26.11 97.48
C PRO C 71 26.42 27.20 96.51
N LEU C 72 25.54 27.65 95.63
CA LEU C 72 25.89 28.68 94.67
C LEU C 72 26.64 29.88 95.26
N GLU C 73 26.31 30.23 96.50
CA GLU C 73 26.95 31.36 97.15
C GLU C 73 28.44 31.16 97.39
N ASN C 74 28.88 29.91 97.37
CA ASN C 74 30.29 29.60 97.61
C ASN C 74 31.04 29.39 96.31
N ILE C 75 30.42 29.76 95.21
CA ILE C 75 31.06 29.56 93.92
C ILE C 75 31.47 30.85 93.22
N PRO C 76 32.72 30.91 92.71
CA PRO C 76 33.31 32.06 92.02
C PRO C 76 32.61 32.47 90.73
N VAL C 77 32.34 33.75 90.60
CA VAL C 77 31.69 34.27 89.41
C VAL C 77 32.51 33.83 88.21
N GLY C 78 31.84 33.42 87.15
CA GLY C 78 32.56 33.01 85.97
C GLY C 78 32.73 31.51 85.86
N THR C 79 32.47 30.78 86.95
CA THR C 79 32.63 29.34 86.88
C THR C 79 31.42 28.68 86.21
N LEU C 80 31.69 27.64 85.43
CA LEU C 80 30.65 26.90 84.75
C LEU C 80 30.05 25.87 85.70
N VAL C 81 28.74 25.68 85.63
CA VAL C 81 28.12 24.73 86.52
C VAL C 81 26.96 23.96 85.89
N HIS C 82 26.62 22.85 86.54
CA HIS C 82 25.55 22.00 86.09
C HIS C 82 24.84 21.38 87.32
N ASN C 83 23.80 20.60 87.06
CA ASN C 83 23.01 19.96 88.10
C ASN C 83 22.67 21.03 89.12
N ILE C 84 22.07 22.11 88.62
CA ILE C 84 21.72 23.22 89.49
C ILE C 84 20.44 23.00 90.28
N GLU C 85 20.55 23.25 91.58
CA GLU C 85 19.44 23.09 92.51
C GLU C 85 18.58 24.33 92.51
N LEU C 86 17.27 24.10 92.48
CA LEU C 86 16.31 25.20 92.49
C LEU C 86 15.78 25.39 93.90
N LYS C 87 15.83 24.32 94.69
CA LYS C 87 15.37 24.39 96.07
C LYS C 87 16.39 23.75 96.97
N PRO C 88 17.02 24.52 97.85
CA PRO C 88 18.03 23.96 98.76
C PRO C 88 17.62 22.57 99.25
N GLY C 89 18.53 21.62 99.13
CA GLY C 89 18.28 20.25 99.56
C GLY C 89 17.16 19.49 98.87
N ARG C 90 16.99 19.71 97.58
CA ARG C 90 15.96 19.04 96.81
C ARG C 90 16.63 18.42 95.62
N GLY C 91 17.97 18.52 95.61
CA GLY C 91 18.75 17.99 94.52
C GLY C 91 18.64 18.88 93.32
N GLY C 92 19.54 18.68 92.37
CA GLY C 92 19.55 19.46 91.15
C GLY C 92 18.43 19.07 90.21
N GLN C 93 17.78 20.08 89.62
CA GLN C 93 16.70 19.83 88.69
C GLN C 93 17.03 20.45 87.36
N LEU C 94 18.11 21.24 87.34
CA LEU C 94 18.51 21.89 86.10
C LEU C 94 19.91 21.47 85.64
N VAL C 95 19.97 21.03 84.38
CA VAL C 95 21.20 20.56 83.71
C VAL C 95 21.76 19.28 84.30
N ARG C 96 20.89 18.54 84.98
CA ARG C 96 21.24 17.29 85.63
C ARG C 96 22.34 16.47 84.98
N ALA C 97 22.23 16.21 83.68
CA ALA C 97 23.25 15.41 83.01
C ALA C 97 23.25 15.54 81.50
N ALA C 98 22.39 16.40 80.96
CA ALA C 98 22.34 16.55 79.52
C ALA C 98 22.25 18.03 79.19
N GLY C 99 22.97 18.43 78.15
CA GLY C 99 22.93 19.83 77.72
C GLY C 99 24.24 20.59 77.74
N THR C 100 24.19 21.77 78.35
CA THR C 100 25.35 22.63 78.46
C THR C 100 25.31 23.32 79.80
N SER C 101 26.42 23.23 80.53
CA SER C 101 26.52 23.84 81.86
C SER C 101 26.24 25.34 81.83
N ALA C 102 25.47 25.80 82.82
CA ALA C 102 25.13 27.21 82.92
C ALA C 102 26.39 27.96 83.34
N GLN C 103 26.25 29.13 83.94
CA GLN C 103 27.41 29.88 84.36
C GLN C 103 27.05 30.96 85.37
N VAL C 104 27.83 31.05 86.45
CA VAL C 104 27.58 32.08 87.46
C VAL C 104 28.01 33.41 86.87
N LEU C 105 27.10 34.40 86.91
CA LEU C 105 27.38 35.73 86.38
C LEU C 105 27.51 36.80 87.45
N GLY C 106 26.87 36.59 88.58
CA GLY C 106 26.93 37.57 89.65
C GLY C 106 26.21 37.05 90.88
N LYS C 107 26.58 37.61 92.03
CA LYS C 107 26.00 37.23 93.30
C LYS C 107 25.44 38.50 93.93
N GLU C 108 24.17 38.48 94.34
CA GLU C 108 23.57 39.65 94.95
C GLU C 108 22.73 39.29 96.17
N GLY C 109 23.21 39.72 97.34
CA GLY C 109 22.50 39.44 98.56
C GLY C 109 22.35 37.95 98.74
N LYS C 110 21.10 37.49 98.82
CA LYS C 110 20.82 36.06 99.00
C LYS C 110 20.56 35.35 97.68
N TYR C 111 21.00 35.96 96.58
CA TYR C 111 20.79 35.39 95.26
C TYR C 111 22.07 35.24 94.48
N VAL C 112 22.04 34.31 93.52
CA VAL C 112 23.16 34.05 92.65
C VAL C 112 22.59 34.05 91.23
N ILE C 113 22.98 35.03 90.42
CA ILE C 113 22.47 35.09 89.05
C ILE C 113 23.25 34.12 88.15
N VAL C 114 22.51 33.34 87.38
CA VAL C 114 23.11 32.34 86.52
C VAL C 114 22.54 32.38 85.12
N ARG C 115 23.42 32.30 84.14
CA ARG C 115 23.00 32.29 82.74
C ARG C 115 23.05 30.88 82.18
N LEU C 116 21.88 30.32 81.89
CA LEU C 116 21.79 28.98 81.34
C LEU C 116 22.35 29.01 79.94
N ALA C 117 22.78 27.85 79.45
CA ALA C 117 23.34 27.74 78.10
C ALA C 117 22.45 28.35 77.01
N SER C 118 21.15 28.45 77.29
CA SER C 118 20.19 29.00 76.34
C SER C 118 20.14 30.53 76.36
N GLY C 119 21.12 31.15 76.99
CA GLY C 119 21.15 32.60 77.06
C GLY C 119 20.23 33.07 78.16
N GLU C 120 19.40 32.14 78.63
CA GLU C 120 18.44 32.40 79.67
C GLU C 120 19.17 32.77 80.97
N VAL C 121 18.59 33.71 81.71
CA VAL C 121 19.21 34.15 82.96
C VAL C 121 18.26 33.99 84.16
N ARG C 122 18.78 33.40 85.24
CA ARG C 122 17.96 33.17 86.44
C ARG C 122 18.64 33.56 87.73
N MSE C 123 17.88 34.08 88.69
CA MSE C 123 18.48 34.44 89.96
C MSE C 123 18.02 33.42 91.00
O MSE C 123 16.93 33.52 91.57
CB MSE C 123 18.11 35.88 90.40
CG MSE C 123 16.63 36.28 90.28
SE MSE C 123 16.40 38.06 90.78
CE MSE C 123 15.94 37.88 92.47
N ILE C 124 18.88 32.42 91.23
CA ILE C 124 18.63 31.34 92.17
C ILE C 124 19.20 31.68 93.53
N LEU C 125 18.57 31.15 94.57
CA LEU C 125 19.01 31.39 95.94
C LEU C 125 20.37 30.74 96.18
N GLY C 126 21.31 31.55 96.70
CA GLY C 126 22.65 31.06 96.97
C GLY C 126 22.70 29.76 97.75
N LYS C 127 21.65 29.46 98.51
CA LYS C 127 21.57 28.24 99.31
C LYS C 127 21.49 27.02 98.40
N CYS C 128 21.02 27.23 97.18
CA CYS C 128 20.89 26.14 96.23
C CYS C 128 22.29 25.72 95.79
N ARG C 129 22.49 24.40 95.66
CA ARG C 129 23.78 23.87 95.25
C ARG C 129 23.89 23.63 93.74
N ALA C 130 25.14 23.49 93.28
CA ALA C 130 25.43 23.23 91.88
C ALA C 130 26.83 22.59 91.78
N THR C 131 27.04 21.73 90.78
CA THR C 131 28.33 21.08 90.61
C THR C 131 29.20 21.81 89.62
N VAL C 132 30.47 22.01 89.99
CA VAL C 132 31.40 22.69 89.12
C VAL C 132 31.76 21.77 87.96
N GLY C 133 31.76 22.32 86.75
CA GLY C 133 32.13 21.51 85.59
C GLY C 133 31.17 21.58 84.44
N GLU C 134 31.59 20.98 83.32
CA GLU C 134 30.77 20.97 82.12
C GLU C 134 30.15 19.63 81.86
N VAL C 135 28.85 19.64 81.63
CA VAL C 135 28.11 18.41 81.34
C VAL C 135 27.88 18.35 79.82
N PRO D 7 -51.87 -12.95 -49.13
CA PRO D 7 -51.45 -14.35 -49.26
C PRO D 7 -50.09 -14.45 -49.95
N ILE D 8 -49.47 -15.65 -49.87
CA ILE D 8 -48.19 -15.92 -50.51
C ILE D 8 -48.41 -16.77 -51.75
N GLU D 9 -47.93 -16.27 -52.87
CA GLU D 9 -48.08 -17.01 -54.10
C GLU D 9 -47.16 -18.26 -54.14
N ILE D 10 -47.74 -19.41 -54.49
CA ILE D 10 -46.97 -20.64 -54.61
C ILE D 10 -46.49 -20.72 -56.07
N PRO D 11 -45.21 -20.48 -56.32
CA PRO D 11 -44.72 -20.54 -57.69
C PRO D 11 -44.79 -21.97 -58.19
N ALA D 12 -44.48 -22.14 -59.46
CA ALA D 12 -44.50 -23.46 -60.08
C ALA D 12 -43.38 -24.34 -59.58
N GLY D 13 -43.63 -25.63 -59.51
CA GLY D 13 -42.62 -26.54 -59.04
C GLY D 13 -42.57 -26.62 -57.52
N VAL D 14 -43.27 -25.70 -56.86
CA VAL D 14 -43.28 -25.67 -55.42
C VAL D 14 -44.50 -26.37 -54.83
N THR D 15 -44.27 -27.27 -53.87
CA THR D 15 -45.34 -27.98 -53.16
C THR D 15 -45.34 -27.50 -51.69
N VAL D 16 -46.50 -27.03 -51.20
CA VAL D 16 -46.63 -26.58 -49.81
C VAL D 16 -47.56 -27.52 -49.04
N THR D 17 -47.13 -27.97 -47.87
CA THR D 17 -47.94 -28.87 -47.07
C THR D 17 -48.07 -28.27 -45.66
N VAL D 18 -49.29 -28.26 -45.14
CA VAL D 18 -49.56 -27.72 -43.81
C VAL D 18 -50.21 -28.79 -42.95
N ASN D 19 -49.74 -28.91 -41.72
CA ASN D 19 -50.25 -29.89 -40.78
C ASN D 19 -50.23 -29.24 -39.41
N GLY D 20 -51.32 -28.58 -39.05
CA GLY D 20 -51.34 -27.93 -37.75
C GLY D 20 -50.45 -26.71 -37.83
N ASN D 21 -49.43 -26.63 -36.99
CA ASN D 21 -48.56 -25.45 -37.03
C ASN D 21 -47.24 -25.67 -37.75
N THR D 22 -47.09 -26.82 -38.38
CA THR D 22 -45.87 -27.17 -39.09
C THR D 22 -46.12 -27.05 -40.58
N VAL D 23 -45.25 -26.33 -41.28
CA VAL D 23 -45.35 -26.15 -42.71
C VAL D 23 -44.15 -26.71 -43.45
N THR D 24 -44.39 -27.52 -44.46
CA THR D 24 -43.31 -28.06 -45.30
C THR D 24 -43.42 -27.50 -46.71
N VAL D 25 -42.33 -26.93 -47.21
CA VAL D 25 -42.29 -26.36 -48.56
C VAL D 25 -41.14 -27.08 -49.31
N LYS D 26 -41.44 -27.59 -50.49
CA LYS D 26 -40.45 -28.28 -51.30
C LYS D 26 -40.36 -27.54 -52.61
N GLY D 27 -39.20 -27.60 -53.24
CA GLY D 27 -38.99 -26.96 -54.53
C GLY D 27 -37.71 -27.44 -55.17
N PRO D 28 -37.36 -26.90 -56.34
CA PRO D 28 -36.12 -27.32 -57.01
C PRO D 28 -34.86 -27.11 -56.20
N LYS D 29 -34.82 -26.04 -55.42
CA LYS D 29 -33.62 -25.74 -54.65
C LYS D 29 -33.54 -26.37 -53.28
N GLY D 30 -34.56 -27.11 -52.85
CA GLY D 30 -34.53 -27.75 -51.53
C GLY D 30 -35.90 -27.95 -50.88
N GLU D 31 -35.89 -28.41 -49.63
CA GLU D 31 -37.13 -28.66 -48.89
C GLU D 31 -36.92 -28.10 -47.49
N LEU D 32 -37.91 -27.40 -46.94
CA LEU D 32 -37.79 -26.81 -45.61
C LEU D 32 -39.07 -27.01 -44.84
N THR D 33 -38.94 -27.36 -43.56
CA THR D 33 -40.06 -27.59 -42.66
C THR D 33 -39.91 -26.61 -41.53
N ARG D 34 -41.00 -25.90 -41.22
CA ARG D 34 -40.96 -24.92 -40.16
C ARG D 34 -42.26 -24.90 -39.35
N THR D 35 -42.12 -24.68 -38.05
CA THR D 35 -43.26 -24.57 -37.17
C THR D 35 -43.50 -23.07 -36.88
N PHE D 36 -44.77 -22.71 -36.75
CA PHE D 36 -45.15 -21.33 -36.49
C PHE D 36 -45.98 -21.18 -35.21
N HIS D 37 -46.13 -19.95 -34.76
CA HIS D 37 -46.89 -19.65 -33.57
C HIS D 37 -48.31 -20.23 -33.64
N PRO D 38 -48.68 -21.06 -32.66
CA PRO D 38 -49.98 -21.71 -32.55
C PRO D 38 -51.18 -20.83 -32.89
N ASP D 39 -51.15 -19.59 -32.44
CA ASP D 39 -52.25 -18.68 -32.68
C ASP D 39 -52.51 -18.33 -34.12
N MET D 40 -51.53 -18.58 -34.99
CA MET D 40 -51.68 -18.29 -36.41
C MET D 40 -52.27 -19.47 -37.18
N THR D 41 -53.20 -19.23 -38.09
CA THR D 41 -53.78 -20.31 -38.91
C THR D 41 -53.22 -20.11 -40.30
N ILE D 42 -52.62 -21.17 -40.82
CA ILE D 42 -52.01 -21.19 -42.13
C ILE D 42 -52.76 -22.18 -43.02
N THR D 43 -53.17 -21.74 -44.19
CA THR D 43 -53.92 -22.58 -45.13
C THR D 43 -53.48 -22.40 -46.56
N VAL D 44 -53.45 -23.48 -47.32
CA VAL D 44 -53.11 -23.43 -48.74
C VAL D 44 -54.47 -23.26 -49.44
N GLU D 45 -54.74 -22.04 -49.89
CA GLU D 45 -55.98 -21.70 -50.57
C GLU D 45 -55.73 -21.90 -52.07
N GLY D 46 -55.80 -23.16 -52.52
CA GLY D 46 -55.56 -23.48 -53.92
C GLY D 46 -54.12 -23.20 -54.36
N ASN D 47 -53.93 -22.01 -54.91
CA ASN D 47 -52.64 -21.54 -55.44
C ASN D 47 -51.86 -20.54 -54.54
N VAL D 48 -52.42 -20.16 -53.39
CA VAL D 48 -51.76 -19.23 -52.46
C VAL D 48 -51.85 -19.69 -51.01
N ILE D 49 -50.88 -19.26 -50.21
CA ILE D 49 -50.84 -19.61 -48.80
C ILE D 49 -51.44 -18.42 -48.11
N THR D 50 -52.39 -18.64 -47.24
CA THR D 50 -53.01 -17.54 -46.54
C THR D 50 -52.70 -17.66 -45.03
N VAL D 51 -52.49 -16.55 -44.34
CA VAL D 51 -52.26 -16.57 -42.88
C VAL D 51 -53.42 -15.80 -42.20
N THR D 52 -54.10 -16.40 -41.23
CA THR D 52 -55.23 -15.76 -40.56
C THR D 52 -54.89 -15.65 -39.09
N ARG D 53 -54.89 -14.43 -38.57
CA ARG D 53 -54.64 -14.21 -37.13
C ARG D 53 -55.99 -14.31 -36.39
N PRO D 54 -56.00 -14.69 -35.12
CA PRO D 54 -57.23 -14.84 -34.34
C PRO D 54 -57.97 -13.53 -33.97
N SER D 55 -57.22 -12.44 -33.80
CA SER D 55 -57.79 -11.16 -33.44
C SER D 55 -57.08 -9.97 -34.11
N ASP D 56 -57.50 -8.76 -33.75
CA ASP D 56 -56.92 -7.56 -34.31
C ASP D 56 -56.08 -6.79 -33.28
N GLU D 57 -55.74 -7.43 -32.19
CA GLU D 57 -54.91 -6.73 -31.23
C GLU D 57 -53.56 -6.51 -31.89
N LYS D 58 -52.66 -5.80 -31.21
CA LYS D 58 -51.34 -5.54 -31.77
C LYS D 58 -50.44 -6.77 -31.88
N HIS D 59 -50.27 -7.51 -30.79
CA HIS D 59 -49.39 -8.67 -30.81
C HIS D 59 -49.70 -9.64 -31.94
N HIS D 60 -50.97 -9.75 -32.28
CA HIS D 60 -51.40 -10.62 -33.36
C HIS D 60 -51.06 -10.00 -34.69
N ARG D 61 -51.30 -8.71 -34.84
CA ARG D 61 -50.99 -8.03 -36.08
C ARG D 61 -49.49 -8.17 -36.39
N ALA D 62 -48.67 -8.12 -35.33
CA ALA D 62 -47.22 -8.24 -35.45
C ALA D 62 -46.84 -9.68 -35.76
N LEU D 63 -47.53 -10.63 -35.12
CA LEU D 63 -47.30 -12.05 -35.35
C LEU D 63 -47.63 -12.41 -36.81
N HIS D 64 -48.72 -11.85 -37.30
CA HIS D 64 -49.25 -12.04 -38.64
C HIS D 64 -48.24 -11.67 -39.73
N GLY D 65 -47.67 -10.47 -39.64
CA GLY D 65 -46.68 -10.01 -40.60
C GLY D 65 -45.37 -10.79 -40.52
N THR D 66 -44.98 -11.17 -39.30
CA THR D 66 -43.76 -11.94 -39.06
C THR D 66 -43.89 -13.36 -39.65
N THR D 67 -45.05 -14.00 -39.45
CA THR D 67 -45.37 -15.34 -39.97
C THR D 67 -45.36 -15.31 -41.51
N ARG D 68 -45.99 -14.27 -42.07
CA ARG D 68 -46.07 -14.06 -43.50
C ARG D 68 -44.68 -13.95 -44.12
N SER D 69 -43.81 -13.16 -43.50
CA SER D 69 -42.46 -13.00 -44.02
C SER D 69 -41.70 -14.32 -44.06
N LEU D 70 -41.71 -15.05 -42.94
CA LEU D 70 -41.04 -16.34 -42.86
C LEU D 70 -41.47 -17.27 -43.97
N LEU D 71 -42.77 -17.30 -44.25
CA LEU D 71 -43.29 -18.14 -45.30
C LEU D 71 -42.76 -17.68 -46.64
N ALA D 72 -42.83 -16.38 -46.88
CA ALA D 72 -42.37 -15.81 -48.13
C ALA D 72 -40.93 -16.26 -48.40
N ASN D 73 -40.07 -16.08 -47.41
CA ASN D 73 -38.66 -16.47 -47.50
C ASN D 73 -38.44 -17.99 -47.66
N MET D 74 -39.36 -18.80 -47.12
CA MET D 74 -39.27 -20.26 -47.24
C MET D 74 -39.57 -20.58 -48.70
N VAL D 75 -40.53 -19.84 -49.26
CA VAL D 75 -40.92 -20.02 -50.65
C VAL D 75 -39.78 -19.53 -51.59
N GLU D 76 -39.11 -18.44 -51.21
CA GLU D 76 -38.01 -17.91 -52.01
C GLU D 76 -36.80 -18.86 -52.00
N GLY D 77 -36.50 -19.45 -50.85
CA GLY D 77 -35.39 -20.38 -50.70
C GLY D 77 -35.43 -21.65 -51.55
N VAL D 78 -36.57 -22.33 -51.57
CA VAL D 78 -36.70 -23.55 -52.35
C VAL D 78 -36.96 -23.29 -53.82
N SER D 79 -37.28 -22.06 -54.19
CA SER D 79 -37.52 -21.78 -55.58
C SER D 79 -36.32 -21.11 -56.20
N LYS D 80 -35.87 -20.04 -55.55
CA LYS D 80 -34.73 -19.28 -56.01
C LYS D 80 -33.43 -19.69 -55.33
N GLY D 81 -32.95 -21.77 -55.78
CA GLY D 81 -31.83 -22.04 -54.88
C GLY D 81 -31.19 -20.77 -54.30
N TYR D 82 -30.63 -20.10 -51.92
CA TYR D 82 -30.17 -18.87 -51.26
C TYR D 82 -28.70 -18.96 -51.00
N GLU D 83 -28.02 -17.82 -50.84
CA GLU D 83 -26.60 -17.84 -50.53
C GLU D 83 -26.11 -16.67 -49.76
N LYS D 84 -25.02 -16.84 -49.05
CA LYS D 84 -24.44 -15.76 -48.24
C LYS D 84 -22.92 -15.88 -48.43
N ALA D 85 -22.25 -14.80 -48.83
CA ALA D 85 -20.80 -14.79 -49.03
C ALA D 85 -20.03 -14.15 -47.86
N LEU D 86 -18.82 -14.64 -47.63
CA LEU D 86 -17.90 -14.16 -46.58
C LEU D 86 -16.55 -13.96 -47.25
N GLU D 87 -15.71 -13.11 -46.68
CA GLU D 87 -14.39 -12.87 -47.24
C GLU D 87 -13.32 -12.90 -46.13
N LEU D 88 -12.13 -13.41 -46.48
CA LEU D 88 -11.02 -13.48 -45.53
C LEU D 88 -10.12 -12.28 -45.73
N VAL D 89 -9.71 -11.64 -44.64
CA VAL D 89 -8.83 -10.49 -44.77
C VAL D 89 -7.66 -10.70 -43.81
N GLY D 90 -6.48 -10.79 -44.38
CA GLY D 90 -5.31 -10.99 -43.55
C GLY D 90 -4.28 -11.79 -44.30
N VAL D 91 -3.02 -11.40 -44.18
CA VAL D 91 -1.99 -12.10 -44.90
C VAL D 91 -1.83 -13.53 -44.37
N GLY D 92 -1.88 -14.51 -45.29
CA GLY D 92 -1.78 -15.92 -44.91
C GLY D 92 -3.13 -16.57 -44.66
N TYR D 93 -4.16 -15.73 -44.57
CA TYR D 93 -5.52 -16.19 -44.33
C TYR D 93 -6.09 -16.75 -45.61
N ARG D 94 -6.43 -18.03 -45.59
CA ARG D 94 -7.00 -18.67 -46.77
C ARG D 94 -7.91 -19.83 -46.45
N ALA D 95 -8.82 -20.09 -47.38
CA ALA D 95 -9.81 -21.16 -47.32
C ALA D 95 -9.63 -22.12 -48.49
N SER D 96 -9.95 -23.39 -48.27
CA SER D 96 -9.88 -24.39 -49.33
C SER D 96 -10.94 -25.44 -49.09
N LYS D 97 -11.26 -26.18 -50.12
CA LYS D 97 -12.25 -27.23 -50.01
C LYS D 97 -11.57 -28.61 -50.07
N GLN D 98 -11.66 -29.37 -48.97
CA GLN D 98 -11.10 -30.70 -48.89
C GLN D 98 -12.26 -31.64 -48.64
N GLY D 99 -12.87 -32.13 -49.72
CA GLY D 99 -14.01 -33.00 -49.58
C GLY D 99 -15.23 -32.12 -49.33
N LYS D 100 -16.14 -32.55 -48.48
CA LYS D 100 -17.31 -31.72 -48.22
C LYS D 100 -16.87 -30.64 -47.19
N LYS D 101 -15.69 -30.82 -46.64
CA LYS D 101 -15.17 -29.90 -45.65
C LYS D 101 -14.51 -28.61 -46.11
N LEU D 102 -14.79 -27.55 -45.36
CA LEU D 102 -14.21 -26.23 -45.52
C LEU D 102 -12.98 -26.22 -44.60
N VAL D 103 -11.81 -25.88 -45.12
CA VAL D 103 -10.59 -25.86 -44.30
C VAL D 103 -10.16 -24.41 -44.23
N LEU D 104 -10.07 -23.87 -43.02
CA LEU D 104 -9.69 -22.47 -42.81
C LEU D 104 -8.31 -22.32 -42.18
N SER D 105 -7.50 -21.43 -42.74
CA SER D 105 -6.20 -21.13 -42.19
C SER D 105 -6.38 -19.66 -41.85
N VAL D 106 -6.67 -19.37 -40.58
CA VAL D 106 -6.92 -18.01 -40.11
C VAL D 106 -6.08 -17.54 -38.91
N GLY D 107 -4.78 -17.82 -38.94
CA GLY D 107 -3.92 -17.34 -37.89
C GLY D 107 -3.86 -18.05 -36.56
N TYR D 108 -4.24 -19.32 -36.51
CA TYR D 108 -4.16 -20.13 -35.29
C TYR D 108 -3.01 -21.09 -35.56
N SER D 109 -2.57 -21.88 -34.59
CA SER D 109 -1.46 -22.78 -34.90
C SER D 109 -1.86 -23.80 -35.98
N HIS D 110 -3.10 -24.26 -35.93
CA HIS D 110 -3.62 -25.25 -36.89
C HIS D 110 -4.90 -24.79 -37.57
N PRO D 111 -5.26 -25.44 -38.71
CA PRO D 111 -6.48 -25.07 -39.43
C PRO D 111 -7.78 -25.46 -38.75
N VAL D 112 -8.86 -24.75 -39.10
CA VAL D 112 -10.19 -25.01 -38.58
C VAL D 112 -10.97 -25.67 -39.73
N GLU D 113 -11.54 -26.85 -39.47
CA GLU D 113 -12.31 -27.57 -40.48
C GLU D 113 -13.79 -27.57 -40.14
N ILE D 114 -14.63 -27.18 -41.10
CA ILE D 114 -16.07 -27.13 -40.90
C ILE D 114 -16.76 -27.98 -41.94
N GLU D 115 -17.67 -28.80 -41.48
CA GLU D 115 -18.39 -29.66 -42.37
C GLU D 115 -19.86 -29.23 -42.33
N PRO D 116 -20.45 -28.85 -43.47
CA PRO D 116 -21.84 -28.44 -43.42
C PRO D 116 -22.75 -29.62 -43.14
N GLU D 117 -23.89 -29.30 -42.56
CA GLU D 117 -24.89 -30.30 -42.27
C GLU D 117 -25.61 -30.64 -43.54
N GLU D 118 -26.57 -31.55 -43.44
CA GLU D 118 -27.35 -31.95 -44.59
C GLU D 118 -28.19 -30.78 -45.09
N GLY D 119 -28.22 -30.61 -46.41
CA GLY D 119 -28.99 -29.55 -47.01
C GLY D 119 -28.16 -28.27 -47.22
N LEU D 120 -26.92 -28.23 -46.75
CA LEU D 120 -26.04 -27.04 -46.88
C LEU D 120 -24.76 -27.31 -47.66
N GLU D 121 -24.34 -26.33 -48.48
CA GLU D 121 -23.13 -26.41 -49.26
C GLU D 121 -22.25 -25.21 -48.98
N ILE D 122 -20.97 -25.38 -49.16
CA ILE D 122 -20.03 -24.29 -48.94
C ILE D 122 -19.12 -24.36 -50.14
N GLU D 123 -19.00 -23.24 -50.83
CA GLU D 123 -18.13 -23.18 -52.00
C GLU D 123 -17.03 -22.17 -51.71
N VAL D 124 -15.85 -22.42 -52.26
CA VAL D 124 -14.69 -21.56 -52.07
C VAL D 124 -14.15 -21.26 -53.48
N PRO D 125 -14.71 -20.26 -54.17
CA PRO D 125 -14.27 -19.92 -55.53
C PRO D 125 -12.86 -19.30 -55.67
N SER D 126 -12.37 -18.68 -54.60
CA SER D 126 -11.05 -18.11 -54.56
C SER D 126 -10.65 -18.31 -53.11
N GLN D 127 -9.35 -18.33 -52.82
CA GLN D 127 -8.90 -18.54 -51.44
C GLN D 127 -9.33 -17.55 -50.37
N THR D 128 -9.95 -16.46 -50.77
CA THR D 128 -10.36 -15.50 -49.78
C THR D 128 -11.86 -15.25 -49.79
N LYS D 129 -12.59 -16.12 -50.49
CA LYS D 129 -14.04 -16.00 -50.58
C LYS D 129 -14.70 -17.31 -50.28
N ILE D 130 -15.71 -17.27 -49.43
CA ILE D 130 -16.46 -18.46 -49.04
C ILE D 130 -17.95 -18.20 -49.34
N ILE D 131 -18.66 -19.13 -49.99
CA ILE D 131 -20.08 -18.95 -50.25
C ILE D 131 -20.87 -20.09 -49.62
N VAL D 132 -21.85 -19.77 -48.78
CA VAL D 132 -22.69 -20.80 -48.17
C VAL D 132 -24.00 -20.75 -48.91
N LYS D 133 -24.52 -21.93 -49.27
CA LYS D 133 -25.78 -22.00 -49.99
C LYS D 133 -26.64 -23.17 -49.64
N GLY D 134 -27.93 -22.98 -49.84
CA GLY D 134 -28.90 -24.01 -49.55
C GLY D 134 -30.30 -23.47 -49.79
N ALA D 135 -31.29 -24.30 -49.54
CA ALA D 135 -32.69 -23.98 -49.74
C ALA D 135 -33.35 -23.24 -48.60
N ASP D 136 -32.82 -23.42 -47.41
CA ASP D 136 -33.38 -22.77 -46.24
C ASP D 136 -32.57 -21.50 -45.97
N LYS D 137 -33.19 -20.33 -46.18
CA LYS D 137 -32.55 -19.02 -45.95
C LYS D 137 -32.02 -18.85 -44.52
N GLN D 138 -32.74 -19.41 -43.57
CA GLN D 138 -32.35 -19.33 -42.19
C GLN D 138 -31.11 -20.13 -41.89
N ARG D 139 -31.10 -21.38 -42.33
CA ARG D 139 -29.97 -22.27 -42.07
C ARG D 139 -28.71 -21.76 -42.75
N VAL D 140 -28.91 -21.07 -43.89
CA VAL D 140 -27.79 -20.51 -44.64
C VAL D 140 -27.23 -19.34 -43.81
N GLY D 141 -28.14 -18.52 -43.28
CA GLY D 141 -27.74 -17.38 -42.49
C GLY D 141 -26.98 -17.83 -41.25
N GLU D 142 -27.49 -18.86 -40.59
CA GLU D 142 -26.89 -19.43 -39.37
C GLU D 142 -25.49 -20.07 -39.56
N LEU D 143 -25.28 -20.84 -40.63
CA LEU D 143 -23.95 -21.41 -40.86
C LEU D 143 -22.91 -20.32 -41.21
N ALA D 144 -23.31 -19.33 -42.01
CA ALA D 144 -22.40 -18.25 -42.36
C ALA D 144 -22.01 -17.44 -41.11
N ALA D 145 -22.93 -17.30 -40.14
CA ALA D 145 -22.62 -16.57 -38.89
C ALA D 145 -21.67 -17.36 -38.02
N ASN D 146 -21.80 -18.68 -38.08
CA ASN D 146 -20.94 -19.59 -37.34
C ASN D 146 -19.53 -19.64 -37.92
N ILE D 147 -19.43 -19.53 -39.25
CA ILE D 147 -18.11 -19.51 -39.88
C ILE D 147 -17.40 -18.20 -39.51
N ARG D 148 -18.09 -17.08 -39.69
CA ARG D 148 -17.52 -15.78 -39.33
C ARG D 148 -17.05 -15.73 -37.86
N ALA D 149 -17.81 -16.37 -36.99
CA ALA D 149 -17.52 -16.45 -35.55
C ALA D 149 -16.23 -17.22 -35.22
N VAL D 150 -15.69 -17.97 -36.18
CA VAL D 150 -14.43 -18.71 -35.94
C VAL D 150 -13.35 -17.67 -35.67
N ARG D 151 -13.37 -16.60 -36.43
CA ARG D 151 -12.44 -15.52 -36.24
C ARG D 151 -12.96 -14.26 -36.88
N PRO D 152 -13.80 -13.52 -36.14
CA PRO D 152 -14.42 -12.27 -36.60
C PRO D 152 -13.32 -11.18 -36.82
N PRO D 153 -13.62 -10.11 -37.54
CA PRO D 153 -12.68 -9.00 -37.86
C PRO D 153 -12.14 -8.29 -36.62
N GLU D 154 -10.83 -8.12 -36.53
CA GLU D 154 -10.23 -7.41 -35.39
C GLU D 154 -10.15 -5.94 -35.75
N PRO D 155 -10.46 -5.09 -34.77
CA PRO D 155 -10.48 -3.63 -34.85
C PRO D 155 -9.29 -2.83 -35.34
N TYR D 156 -8.07 -3.30 -35.14
CA TYR D 156 -6.95 -2.49 -35.53
C TYR D 156 -6.62 -2.56 -37.00
N LYS D 157 -6.84 -3.72 -37.58
CA LYS D 157 -6.51 -3.90 -38.99
C LYS D 157 -7.58 -4.58 -39.84
N GLY D 158 -8.67 -5.00 -39.19
CA GLY D 158 -9.76 -5.64 -39.91
C GLY D 158 -9.50 -7.06 -40.35
N LYS D 159 -8.52 -7.72 -39.75
CA LYS D 159 -8.22 -9.11 -40.11
C LYS D 159 -9.25 -10.03 -39.49
N GLY D 160 -9.50 -11.13 -40.17
CA GLY D 160 -10.47 -12.11 -39.71
C GLY D 160 -11.40 -12.42 -40.85
N ILE D 161 -12.59 -12.92 -40.53
CA ILE D 161 -13.59 -13.27 -41.52
C ILE D 161 -14.72 -12.25 -41.39
N ARG D 162 -15.21 -11.72 -42.51
CA ARG D 162 -16.31 -10.76 -42.46
C ARG D 162 -17.30 -11.14 -43.54
N TYR D 163 -18.53 -10.68 -43.41
CA TYR D 163 -19.51 -10.94 -44.45
C TYR D 163 -19.00 -10.16 -45.66
N GLU D 164 -19.41 -10.54 -46.86
CA GLU D 164 -18.96 -9.89 -48.10
C GLU D 164 -19.04 -8.36 -48.05
N GLY D 165 -20.20 -7.81 -47.71
CA GLY D 165 -20.27 -6.35 -47.64
C GLY D 165 -20.13 -5.75 -46.24
N GLU D 166 -19.40 -6.40 -45.34
CA GLU D 166 -19.27 -5.92 -43.97
C GLU D 166 -18.41 -4.70 -43.77
N LEU D 167 -19.07 -3.64 -43.29
CA LEU D 167 -18.43 -2.36 -43.01
C LEU D 167 -17.68 -2.44 -41.71
N VAL D 168 -16.38 -2.68 -41.80
CA VAL D 168 -15.58 -2.76 -40.58
C VAL D 168 -14.37 -1.80 -40.76
N ARG D 169 -14.61 -0.55 -40.43
CA ARG D 169 -13.60 0.44 -40.52
C ARG D 169 -12.57 0.24 -39.42
N LEU D 170 -11.29 0.27 -39.81
CA LEU D 170 -10.20 0.04 -38.87
C LEU D 170 -10.08 1.31 -37.98
N LYS E 1 -18.38 23.51 -70.63
CA LYS E 1 -18.77 24.92 -70.37
C LYS E 1 -17.79 25.77 -71.19
N THR E 2 -18.00 27.08 -71.15
CA THR E 2 -17.13 28.02 -71.84
C THR E 2 -16.73 28.97 -70.71
N PRO E 3 -15.93 30.02 -71.02
CA PRO E 3 -15.56 30.91 -69.92
C PRO E 3 -16.80 31.41 -69.17
N PRO E 4 -16.83 31.21 -67.86
CA PRO E 4 -17.96 31.65 -67.05
C PRO E 4 -18.37 33.10 -67.37
N ALA E 5 -19.64 33.43 -67.10
CA ALA E 5 -20.14 34.78 -67.33
C ALA E 5 -19.18 35.74 -66.64
N ALA E 6 -18.85 35.43 -65.38
CA ALA E 6 -17.93 36.26 -64.60
C ALA E 6 -16.67 36.59 -65.40
N VAL E 7 -15.83 35.61 -65.72
CA VAL E 7 -14.61 35.95 -66.47
C VAL E 7 -14.89 36.65 -67.80
N LEU E 8 -15.91 36.19 -68.53
CA LEU E 8 -16.26 36.84 -69.79
C LEU E 8 -16.48 38.32 -69.53
N LEU E 9 -17.30 38.62 -68.53
CA LEU E 9 -17.63 39.98 -68.17
C LEU E 9 -16.40 40.74 -67.70
N LYS E 10 -15.48 40.05 -67.03
CA LYS E 10 -14.27 40.68 -66.54
C LYS E 10 -13.45 41.18 -67.71
N LYS E 11 -13.19 40.26 -68.63
CA LYS E 11 -12.43 40.51 -69.84
C LYS E 11 -13.12 41.54 -70.73
N ALA E 12 -14.45 41.46 -70.75
CA ALA E 12 -15.24 42.40 -71.51
C ALA E 12 -15.06 43.76 -70.85
N ALA E 13 -15.60 43.84 -69.63
CA ALA E 13 -15.58 45.06 -68.83
C ALA E 13 -14.23 45.74 -68.85
N GLY E 14 -13.17 44.94 -68.82
CA GLY E 14 -11.81 45.44 -68.86
C GLY E 14 -11.22 45.57 -67.47
N ILE E 15 -11.36 44.52 -66.67
CA ILE E 15 -10.86 44.54 -65.30
C ILE E 15 -10.37 43.19 -64.86
N GLU E 16 -9.78 43.15 -63.67
CA GLU E 16 -9.25 41.93 -63.07
C GLU E 16 -10.00 41.54 -61.83
N SER E 17 -11.00 42.34 -61.44
CA SER E 17 -11.75 42.00 -60.23
C SER E 17 -13.21 42.46 -60.17
N GLY E 18 -13.92 41.92 -59.19
CA GLY E 18 -15.34 42.22 -58.99
C GLY E 18 -15.65 43.47 -58.20
N SER E 19 -16.17 43.36 -56.96
CA SER E 19 -16.53 44.56 -56.20
C SER E 19 -17.19 44.43 -54.78
N GLY E 20 -18.03 45.43 -54.51
CA GLY E 20 -18.86 45.54 -53.32
C GLY E 20 -20.11 46.09 -54.03
N GLU E 21 -20.26 45.67 -55.29
CA GLU E 21 -21.31 46.01 -56.27
C GLU E 21 -22.39 47.07 -56.14
N PRO E 22 -23.26 47.01 -55.11
CA PRO E 22 -24.26 48.08 -55.11
C PRO E 22 -23.59 49.43 -54.95
N ASN E 23 -22.57 49.47 -54.10
CA ASN E 23 -21.88 50.72 -53.82
C ASN E 23 -20.85 51.17 -54.85
N ARG E 24 -19.79 50.40 -55.01
CA ARG E 24 -18.72 50.78 -55.92
C ARG E 24 -18.76 49.99 -57.21
N ASN E 25 -19.48 50.47 -58.22
CA ASN E 25 -19.53 49.72 -59.47
C ASN E 25 -18.11 49.70 -60.04
N LYS E 26 -17.65 48.55 -60.49
CA LYS E 26 -16.29 48.43 -60.94
C LYS E 26 -15.92 48.89 -62.32
N VAL E 27 -16.91 49.12 -63.17
CA VAL E 27 -16.66 49.59 -64.53
C VAL E 27 -17.93 49.56 -65.39
N ALA E 28 -17.98 50.33 -66.46
CA ALA E 28 -19.17 50.28 -67.29
C ALA E 28 -18.78 49.61 -68.60
N THR E 29 -19.76 49.20 -69.39
CA THR E 29 -19.49 48.58 -70.68
C THR E 29 -20.78 48.57 -71.49
N ILE E 30 -20.68 48.52 -72.82
CA ILE E 30 -21.88 48.56 -73.68
C ILE E 30 -22.68 47.26 -73.79
N LYS E 31 -23.97 47.29 -73.47
CA LYS E 31 -24.80 46.11 -73.45
C LYS E 31 -25.07 45.59 -74.86
N ARG E 32 -25.99 46.21 -75.59
CA ARG E 32 -26.46 45.78 -76.89
C ARG E 32 -25.30 45.45 -77.82
N ASP E 33 -24.10 45.83 -77.44
CA ASP E 33 -22.95 45.50 -78.24
C ASP E 33 -22.32 44.33 -77.49
N LYS E 34 -21.80 44.62 -76.31
CA LYS E 34 -21.11 43.61 -75.53
C LYS E 34 -21.91 42.56 -74.78
N VAL E 35 -22.89 42.96 -73.96
CA VAL E 35 -23.65 41.93 -73.27
C VAL E 35 -24.24 40.96 -74.27
N ARG E 36 -24.71 41.47 -75.41
CA ARG E 36 -25.26 40.56 -76.41
C ARG E 36 -24.17 39.58 -76.91
N GLU E 37 -22.98 40.09 -77.25
CA GLU E 37 -21.91 39.23 -77.73
C GLU E 37 -21.67 38.08 -76.78
N ILE E 38 -21.50 38.39 -75.50
CA ILE E 38 -21.25 37.36 -74.50
C ILE E 38 -22.39 36.37 -74.48
N ALA E 39 -23.61 36.90 -74.55
CA ALA E 39 -24.82 36.07 -74.55
C ALA E 39 -24.74 35.09 -75.69
N GLU E 40 -24.17 35.53 -76.81
CA GLU E 40 -24.04 34.67 -77.97
C GLU E 40 -23.07 33.54 -77.71
N LEU E 41 -21.86 33.87 -77.31
CA LEU E 41 -20.84 32.86 -77.04
C LEU E 41 -21.23 31.89 -75.93
N LYS E 42 -21.89 32.41 -74.89
CA LYS E 42 -22.28 31.56 -73.77
C LYS E 42 -23.52 30.71 -74.04
N MET E 43 -24.22 30.98 -75.13
CA MET E 43 -25.45 30.26 -75.48
C MET E 43 -25.46 28.73 -75.37
N PRO E 44 -24.41 28.03 -75.86
CA PRO E 44 -24.44 26.57 -75.75
C PRO E 44 -24.62 26.12 -74.33
N ASP E 45 -24.25 26.96 -73.39
CA ASP E 45 -24.37 26.60 -72.00
C ASP E 45 -25.58 27.25 -71.31
N LEU E 46 -26.30 28.12 -72.01
CA LEU E 46 -27.46 28.76 -71.41
C LEU E 46 -28.75 28.03 -71.77
N ASN E 47 -29.61 27.81 -70.78
CA ASN E 47 -30.89 27.11 -70.99
C ASN E 47 -31.91 28.11 -71.48
N ALA E 48 -31.41 29.16 -72.11
CA ALA E 48 -32.26 30.24 -72.59
C ALA E 48 -33.04 29.90 -73.83
N ALA E 49 -34.10 30.67 -74.03
CA ALA E 49 -34.92 30.54 -75.23
C ALA E 49 -34.31 31.55 -76.16
N SER E 50 -34.77 32.79 -76.07
CA SER E 50 -34.25 33.84 -76.95
C SER E 50 -32.94 34.45 -76.44
N ILE E 51 -32.20 35.05 -77.37
CA ILE E 51 -30.96 35.72 -77.02
C ILE E 51 -31.31 36.75 -75.96
N GLU E 52 -32.45 37.44 -76.12
CA GLU E 52 -32.86 38.45 -75.15
C GLU E 52 -32.87 37.90 -73.74
N ALA E 53 -33.18 36.60 -73.60
CA ALA E 53 -33.17 35.95 -72.29
C ALA E 53 -31.73 35.65 -71.93
N ALA E 54 -31.02 35.08 -72.89
CA ALA E 54 -29.61 34.75 -72.70
C ALA E 54 -28.96 35.97 -72.05
N MET E 55 -29.30 37.14 -72.57
CA MET E 55 -28.75 38.42 -72.08
C MET E 55 -29.14 38.68 -70.62
N ARG E 56 -30.44 38.78 -70.34
CA ARG E 56 -30.94 39.03 -69.00
C ARG E 56 -30.08 38.32 -67.96
N MET E 57 -29.72 37.06 -68.22
CA MET E 57 -28.87 36.28 -67.31
C MET E 57 -27.47 36.90 -67.21
N ILE E 58 -26.81 37.10 -68.36
CA ILE E 58 -25.48 37.68 -68.36
C ILE E 58 -25.49 39.02 -67.66
N GLU E 59 -26.39 39.91 -68.06
CA GLU E 59 -26.48 41.20 -67.42
C GLU E 59 -26.66 40.97 -65.93
N GLY E 60 -27.39 39.91 -65.60
CA GLY E 60 -27.63 39.57 -64.20
C GLY E 60 -26.39 39.16 -63.41
N THR E 61 -25.38 38.64 -64.10
CA THR E 61 -24.15 38.23 -63.42
C THR E 61 -23.28 39.46 -63.30
N ALA E 62 -23.46 40.38 -64.24
CA ALA E 62 -22.71 41.62 -64.20
C ALA E 62 -23.14 42.41 -62.99
N ARG E 63 -24.40 42.32 -62.61
CA ARG E 63 -24.83 43.07 -61.42
C ARG E 63 -24.15 42.52 -60.18
N SER E 64 -24.17 41.20 -60.00
CA SER E 64 -23.58 40.55 -58.84
C SER E 64 -22.15 41.00 -58.63
N MET E 65 -21.47 41.39 -59.69
CA MET E 65 -20.11 41.83 -59.55
C MET E 65 -20.00 43.35 -59.72
N GLY E 66 -21.11 43.98 -60.11
CA GLY E 66 -21.11 45.42 -60.26
C GLY E 66 -20.40 45.91 -61.50
N ILE E 67 -21.15 45.94 -62.60
CA ILE E 67 -20.64 46.41 -63.88
C ILE E 67 -21.89 46.92 -64.63
N MET F 1 15.56 -25.10 8.37
CA MET F 1 15.18 -24.59 7.02
C MET F 1 15.48 -23.11 6.97
N ILE F 2 15.78 -22.61 5.77
CA ILE F 2 16.05 -21.19 5.59
C ILE F 2 14.71 -20.45 5.77
N GLN F 3 14.68 -19.49 6.68
CA GLN F 3 13.48 -18.72 6.96
C GLN F 3 13.91 -17.32 7.39
N GLN F 4 12.96 -16.49 7.82
CA GLN F 4 13.30 -15.12 8.23
C GLN F 4 14.38 -15.18 9.29
N GLU F 5 15.35 -14.28 9.13
CA GLU F 5 16.52 -14.13 9.99
C GLU F 5 17.61 -15.16 9.83
N SER F 6 17.48 -16.04 8.85
CA SER F 6 18.51 -17.02 8.56
C SER F 6 19.66 -16.25 7.89
N ARG F 7 20.90 -16.66 8.17
CA ARG F 7 22.06 -16.00 7.58
C ARG F 7 22.51 -16.87 6.41
N LEU F 8 22.80 -16.24 5.29
CA LEU F 8 23.22 -16.96 4.09
C LEU F 8 24.57 -16.44 3.60
N LYS F 9 25.44 -17.35 3.17
CA LYS F 9 26.74 -16.96 2.62
C LYS F 9 26.42 -16.47 1.21
N VAL F 10 27.23 -15.57 0.68
CA VAL F 10 27.04 -15.07 -0.67
C VAL F 10 28.07 -15.74 -1.58
N ALA F 11 27.60 -16.48 -2.58
CA ALA F 11 28.48 -17.19 -3.50
C ALA F 11 28.86 -16.42 -4.75
N ASP F 12 29.08 -15.12 -4.65
CA ASP F 12 29.44 -14.34 -5.83
C ASP F 12 30.47 -13.30 -5.46
N ASN F 13 30.87 -12.48 -6.43
CA ASN F 13 31.85 -11.44 -6.15
C ASN F 13 31.22 -10.05 -6.14
N SER F 14 29.94 -9.97 -5.77
CA SER F 14 29.21 -8.70 -5.73
C SER F 14 29.77 -7.75 -4.66
N GLY F 15 30.38 -8.31 -3.63
CA GLY F 15 30.89 -7.49 -2.53
C GLY F 15 30.24 -7.93 -1.24
N ALA F 16 29.00 -8.42 -1.32
CA ALA F 16 28.30 -8.89 -0.13
C ALA F 16 28.94 -10.19 0.32
N ARG F 17 29.09 -10.35 1.63
CA ARG F 17 29.71 -11.53 2.22
C ARG F 17 28.68 -12.42 2.94
N GLU F 18 27.67 -11.80 3.53
CA GLU F 18 26.63 -12.55 4.23
C GLU F 18 25.38 -11.69 4.27
N VAL F 19 24.23 -12.34 4.13
CA VAL F 19 22.94 -11.64 4.18
C VAL F 19 22.02 -12.28 5.20
N LEU F 20 21.03 -11.54 5.64
CA LEU F 20 20.08 -11.98 6.64
C LEU F 20 18.70 -11.93 5.99
N VAL F 21 18.04 -13.09 5.92
CA VAL F 21 16.73 -13.20 5.28
C VAL F 21 15.60 -12.41 5.95
N ILE F 22 14.87 -11.65 5.16
CA ILE F 22 13.74 -10.86 5.66
C ILE F 22 12.47 -11.61 5.32
N LYS F 23 12.34 -12.01 4.05
CA LYS F 23 11.15 -12.74 3.61
C LYS F 23 11.44 -13.58 2.36
N VAL F 24 10.63 -14.62 2.18
CA VAL F 24 10.73 -15.51 1.04
C VAL F 24 9.67 -15.06 0.06
N LEU F 25 10.08 -14.76 -1.16
CA LEU F 25 9.14 -14.29 -2.17
C LEU F 25 8.31 -15.44 -2.75
N GLY F 26 7.16 -15.12 -3.34
CA GLY F 26 6.35 -16.16 -3.93
C GLY F 26 4.90 -16.24 -3.50
N GLY F 27 4.47 -15.30 -2.66
CA GLY F 27 3.10 -15.30 -2.21
C GLY F 27 2.87 -15.48 -0.72
N SER F 28 1.74 -14.96 -0.26
CA SER F 28 1.37 -15.02 1.14
C SER F 28 1.42 -16.47 1.60
N GLY F 29 2.07 -16.70 2.73
CA GLY F 29 2.19 -18.06 3.23
C GLY F 29 3.57 -18.68 3.10
N ARG F 30 4.36 -18.21 2.13
CA ARG F 30 5.70 -18.74 1.95
C ARG F 30 6.55 -18.36 3.16
N ARG F 31 7.24 -19.36 3.70
CA ARG F 31 8.05 -19.17 4.90
C ARG F 31 9.47 -19.76 4.79
N TYR F 32 9.62 -20.81 3.99
CA TYR F 32 10.90 -21.48 3.87
C TYR F 32 11.43 -21.45 2.46
N ALA F 33 12.73 -21.25 2.35
CA ALA F 33 13.37 -21.18 1.05
C ALA F 33 14.29 -22.35 0.81
N ASN F 34 14.30 -22.81 -0.44
CA ASN F 34 15.20 -23.88 -0.82
C ASN F 34 15.77 -23.44 -2.17
N ILE F 35 16.57 -24.28 -2.79
CA ILE F 35 17.19 -23.96 -4.06
C ILE F 35 16.21 -23.43 -5.10
N GLY F 36 16.55 -22.28 -5.66
CA GLY F 36 15.72 -21.68 -6.68
C GLY F 36 14.79 -20.59 -6.21
N ASP F 37 14.55 -20.55 -4.90
CA ASP F 37 13.69 -19.53 -4.33
C ASP F 37 14.45 -18.22 -4.21
N VAL F 38 13.70 -17.12 -4.25
CA VAL F 38 14.26 -15.78 -4.15
C VAL F 38 13.86 -15.20 -2.80
N VAL F 39 14.84 -14.62 -2.13
CA VAL F 39 14.60 -13.99 -0.83
C VAL F 39 14.95 -12.51 -0.91
N VAL F 40 14.34 -11.77 0.01
CA VAL F 40 14.63 -10.35 0.18
C VAL F 40 15.49 -10.42 1.44
N ALA F 41 16.64 -9.75 1.42
CA ALA F 41 17.54 -9.82 2.57
C ALA F 41 18.30 -8.53 2.79
N THR F 42 18.89 -8.41 3.98
CA THR F 42 19.70 -7.24 4.29
C THR F 42 21.16 -7.72 4.30
N VAL F 43 22.05 -6.90 3.75
CA VAL F 43 23.47 -7.24 3.70
C VAL F 43 24.01 -7.09 5.11
N LYS F 44 24.52 -8.19 5.66
CA LYS F 44 25.04 -8.23 7.01
C LYS F 44 26.53 -7.86 7.05
N ASP F 45 27.26 -8.33 6.06
CA ASP F 45 28.69 -8.08 5.96
C ASP F 45 29.00 -7.89 4.48
N ALA F 46 29.92 -6.98 4.19
CA ALA F 46 30.31 -6.68 2.83
C ALA F 46 31.74 -6.14 2.82
N THR F 47 32.44 -6.22 1.68
CA THR F 47 33.80 -5.70 1.61
C THR F 47 33.67 -4.18 1.57
N PRO F 48 34.46 -3.45 2.37
CA PRO F 48 34.36 -1.97 2.37
C PRO F 48 34.66 -1.33 1.03
N GLY F 49 34.01 -0.19 0.79
CA GLY F 49 34.20 0.56 -0.43
C GLY F 49 33.59 -0.03 -1.70
N GLY F 50 32.77 -1.07 -1.55
CA GLY F 50 32.16 -1.70 -2.71
C GLY F 50 30.78 -1.17 -3.15
N VAL F 51 30.25 -1.77 -4.21
CA VAL F 51 28.95 -1.41 -4.78
C VAL F 51 27.78 -1.78 -3.85
N VAL F 52 27.96 -2.85 -3.11
CA VAL F 52 26.95 -3.31 -2.17
C VAL F 52 27.45 -2.93 -0.78
N LYS F 53 26.56 -2.43 0.05
CA LYS F 53 26.92 -1.99 1.39
C LYS F 53 26.14 -2.65 2.51
N LYS F 54 26.71 -2.64 3.72
CA LYS F 54 26.06 -3.20 4.89
C LYS F 54 24.76 -2.44 5.15
N GLY F 55 23.73 -3.18 5.55
CA GLY F 55 22.45 -2.56 5.83
C GLY F 55 21.53 -2.42 4.63
N GLN F 56 22.07 -2.55 3.43
CA GLN F 56 21.25 -2.44 2.22
C GLN F 56 20.37 -3.68 2.02
N VAL F 57 19.22 -3.46 1.39
CA VAL F 57 18.29 -4.56 1.13
C VAL F 57 18.49 -5.00 -0.31
N VAL F 58 18.63 -6.30 -0.51
CA VAL F 58 18.86 -6.87 -1.82
C VAL F 58 17.94 -8.07 -2.03
N LYS F 59 17.87 -8.55 -3.26
CA LYS F 59 17.13 -9.76 -3.62
C LYS F 59 18.22 -10.76 -3.95
N ALA F 60 18.03 -12.02 -3.58
CA ALA F 60 19.03 -13.04 -3.85
C ALA F 60 18.36 -14.38 -4.09
N VAL F 61 18.93 -15.18 -4.99
CA VAL F 61 18.39 -16.52 -5.25
C VAL F 61 19.24 -17.54 -4.48
N VAL F 62 18.60 -18.51 -3.83
CA VAL F 62 19.29 -19.55 -3.08
C VAL F 62 19.86 -20.58 -4.06
N VAL F 63 21.16 -20.83 -3.97
CA VAL F 63 21.80 -21.78 -4.89
C VAL F 63 22.34 -23.04 -4.26
N ARG F 64 22.46 -23.06 -2.93
CA ARG F 64 22.94 -24.22 -2.19
C ARG F 64 22.25 -24.20 -0.85
N THR F 65 21.79 -25.37 -0.40
CA THR F 65 21.15 -25.47 0.90
C THR F 65 21.60 -26.75 1.61
N LYS F 66 21.62 -26.70 2.94
CA LYS F 66 21.96 -27.87 3.73
C LYS F 66 20.80 -28.87 3.71
N ARG F 67 19.58 -28.36 3.55
CA ARG F 67 18.37 -29.19 3.46
C ARG F 67 18.38 -30.06 2.18
N GLY F 68 18.79 -29.45 1.08
CA GLY F 68 18.87 -30.17 -0.18
C GLY F 68 17.54 -30.38 -0.88
N VAL F 69 17.59 -31.18 -1.95
CA VAL F 69 16.40 -31.47 -2.77
C VAL F 69 16.34 -32.94 -3.16
N ARG F 70 15.13 -33.46 -3.28
CA ARG F 70 14.92 -34.84 -3.71
C ARG F 70 14.64 -34.71 -5.20
N ARG F 71 15.26 -35.57 -6.00
CA ARG F 71 15.09 -35.50 -7.43
C ARG F 71 14.19 -36.61 -8.01
N PRO F 72 13.62 -36.37 -9.21
CA PRO F 72 12.73 -37.34 -9.88
C PRO F 72 13.39 -38.72 -10.11
N ASP F 73 14.70 -38.74 -10.31
CA ASP F 73 15.43 -39.98 -10.55
C ASP F 73 15.82 -40.75 -9.28
N GLY F 74 15.31 -40.33 -8.13
CA GLY F 74 15.62 -41.03 -6.89
C GLY F 74 16.84 -40.53 -6.14
N SER F 75 17.55 -39.58 -6.71
CA SER F 75 18.72 -39.03 -6.03
C SER F 75 18.28 -37.90 -5.13
N TYR F 76 19.15 -37.58 -4.18
CA TYR F 76 18.96 -36.49 -3.23
C TYR F 76 20.29 -35.79 -3.19
N ILE F 77 20.28 -34.47 -3.33
CA ILE F 77 21.50 -33.68 -3.29
C ILE F 77 21.40 -32.60 -2.20
N ARG F 78 22.45 -32.45 -1.41
CA ARG F 78 22.48 -31.37 -0.41
C ARG F 78 23.91 -30.83 -0.35
N PHE F 79 24.07 -29.71 0.32
CA PHE F 79 25.36 -29.05 0.41
C PHE F 79 25.73 -28.80 1.85
N ASP F 80 26.97 -28.39 2.09
CA ASP F 80 27.38 -28.14 3.47
C ASP F 80 27.17 -26.72 3.95
N GLU F 81 26.46 -25.90 3.17
CA GLU F 81 26.18 -24.52 3.55
C GLU F 81 24.94 -24.01 2.82
N ASN F 82 24.37 -22.93 3.34
CA ASN F 82 23.22 -22.26 2.73
C ASN F 82 23.83 -21.02 2.08
N ALA F 83 23.76 -20.96 0.76
CA ALA F 83 24.35 -19.85 0.02
C ALA F 83 23.39 -19.26 -1.00
N CYS F 84 23.63 -18.01 -1.36
CA CYS F 84 22.78 -17.33 -2.34
C CYS F 84 23.64 -16.46 -3.24
N VAL F 85 23.01 -15.99 -4.32
CA VAL F 85 23.63 -15.10 -5.31
C VAL F 85 22.74 -13.87 -5.40
N ILE F 86 23.33 -12.68 -5.32
CA ILE F 86 22.55 -11.46 -5.38
C ILE F 86 22.16 -11.20 -6.82
N ILE F 87 22.09 -10.26 -6.76
CA ILE F 87 21.69 -10.24 -8.17
C ILE F 87 21.04 -8.94 -8.64
N ARG F 88 22.16 -9.01 -9.87
CA ARG F 88 21.44 -7.87 -10.41
C ARG F 88 20.01 -8.38 -10.62
N ASP F 89 19.11 -7.50 -11.06
CA ASP F 89 17.73 -7.90 -11.29
C ASP F 89 17.54 -8.95 -12.38
N ASP F 90 18.45 -9.02 -13.34
CA ASP F 90 18.38 -10.00 -14.43
C ASP F 90 19.03 -11.34 -14.08
N LYS F 91 19.33 -11.55 -12.79
CA LYS F 91 19.97 -12.76 -12.25
C LYS F 91 21.47 -12.89 -12.45
N SER F 92 22.06 -11.99 -13.22
CA SER F 92 23.51 -11.97 -13.45
C SER F 92 24.23 -11.54 -12.18
N PRO F 93 25.39 -12.14 -11.89
CA PRO F 93 26.14 -11.77 -10.70
C PRO F 93 26.75 -10.38 -10.83
N ARG F 94 26.85 -9.67 -9.72
CA ARG F 94 27.47 -8.34 -9.70
C ARG F 94 28.99 -8.46 -9.73
N GLY F 95 29.52 -9.55 -9.17
CA GLY F 95 30.96 -9.78 -9.14
C GLY F 95 31.37 -10.52 -10.40
N THR F 96 32.67 -10.78 -10.55
CA THR F 96 33.16 -11.48 -11.72
C THR F 96 33.71 -12.86 -11.43
N ARG F 97 33.78 -13.23 -10.16
CA ARG F 97 34.31 -14.53 -9.78
C ARG F 97 33.42 -15.13 -8.71
N ILE F 98 33.27 -16.44 -8.76
CA ILE F 98 32.48 -17.19 -7.80
C ILE F 98 33.48 -18.11 -7.11
N PHE F 99 33.37 -18.25 -5.79
CA PHE F 99 34.31 -19.08 -5.04
C PHE F 99 33.62 -20.29 -4.46
N GLY F 100 34.28 -21.44 -4.56
CA GLY F 100 33.73 -22.66 -4.02
C GLY F 100 32.70 -23.33 -4.91
N PRO F 101 32.39 -24.59 -4.63
CA PRO F 101 31.42 -25.35 -5.42
C PRO F 101 29.99 -24.84 -5.25
N VAL F 102 29.19 -24.98 -6.29
CA VAL F 102 27.78 -24.57 -6.24
C VAL F 102 26.92 -25.77 -6.68
N ALA F 103 25.69 -25.80 -6.20
CA ALA F 103 24.76 -26.88 -6.53
C ALA F 103 24.18 -26.76 -7.94
N ARG F 104 24.02 -27.88 -8.62
CA ARG F 104 23.49 -27.90 -9.96
C ARG F 104 22.03 -27.43 -10.03
N GLU F 105 21.34 -27.46 -8.90
CA GLU F 105 19.94 -27.00 -8.84
C GLU F 105 19.78 -25.57 -9.37
N LEU F 106 20.85 -24.77 -9.29
CA LEU F 106 20.82 -23.40 -9.78
C LEU F 106 20.50 -23.33 -11.27
N ARG F 107 20.90 -24.36 -12.00
CA ARG F 107 20.64 -24.47 -13.43
C ARG F 107 19.14 -24.43 -13.74
N ASP F 108 18.32 -25.09 -12.92
CA ASP F 108 16.85 -25.10 -13.13
C ASP F 108 16.17 -23.74 -12.95
N LYS F 109 16.77 -22.89 -12.14
CA LYS F 109 16.21 -21.56 -11.86
C LYS F 109 16.81 -20.46 -12.74
N ASP F 110 17.51 -20.88 -13.81
CA ASP F 110 18.08 -19.95 -14.77
C ASP F 110 19.25 -19.07 -14.33
N PHE F 111 20.05 -19.55 -13.37
CA PHE F 111 21.21 -18.80 -12.93
C PHE F 111 22.39 -19.30 -13.76
N MET F 112 22.26 -19.13 -15.07
CA MET F 112 23.28 -19.61 -16.01
C MET F 112 24.67 -19.00 -15.91
N LYS F 113 24.76 -17.69 -15.65
CA LYS F 113 26.06 -17.04 -15.55
C LYS F 113 26.84 -17.56 -14.33
N ILE F 114 26.14 -17.72 -13.22
CA ILE F 114 26.78 -18.23 -12.01
C ILE F 114 27.29 -19.65 -12.23
N ILE F 115 26.47 -20.49 -12.86
CA ILE F 115 26.86 -21.87 -13.17
C ILE F 115 28.11 -21.87 -14.07
N SER F 116 28.18 -20.95 -15.03
CA SER F 116 29.34 -20.91 -15.91
C SER F 116 30.61 -20.42 -15.18
N LEU F 117 30.46 -19.48 -14.26
CA LEU F 117 31.59 -18.95 -13.51
C LEU F 117 32.08 -19.83 -12.35
N ALA F 118 31.20 -20.70 -11.85
CA ALA F 118 31.56 -21.58 -10.72
C ALA F 118 32.76 -22.49 -10.98
N PRO F 119 33.64 -22.61 -9.98
CA PRO F 119 34.84 -23.46 -10.06
C PRO F 119 34.45 -24.91 -10.32
N GLU F 120 33.35 -25.32 -9.69
CA GLU F 120 32.81 -26.64 -9.87
C GLU F 120 31.34 -26.63 -9.49
N VAL F 121 30.57 -27.48 -10.17
CA VAL F 121 29.15 -27.64 -9.95
C VAL F 121 28.98 -29.08 -9.48
N ILE F 122 28.28 -29.28 -8.37
CA ILE F 122 28.07 -30.63 -7.82
C ILE F 122 26.60 -31.03 -7.96
#